data_5YZW
#
_entry.id   5YZW
#
_cell.length_a   99.720
_cell.length_b   99.720
_cell.length_c   107.050
_cell.angle_alpha   90.00
_cell.angle_beta   90.00
_cell.angle_gamma   120.00
#
_symmetry.space_group_name_H-M   'P 31 2 1'
#
loop_
_entity.id
_entity.type
_entity.pdbx_description
1 polymer Ifi204
2 water water
#
_entity_poly.entity_id   1
_entity_poly.type   'polypeptide(L)'
_entity_poly.pdbx_seq_one_letter_code
;GSVDDHHHGPKQVMVLKVTEPFTYDLKEDKRMFHATVATETEFFRVKVFDTALKSKFIPRNIIAISDYFGCNGFLEIYRA
SCVSDVNVNPTMVISNTLRQRANATPKISYLFSQARGTFVSGEYLVNKKTERNKFIYYGIGDDTGKMEVVVYGRLTNVRC
EPGSKLRLVCFELTSTEDGWQLRSVRHSYMQVINARKAAAS
;
_entity_poly.pdbx_strand_id   A,B
#
# COMPACT_ATOMS: atom_id res chain seq x y z
N VAL A 3 5.92 -6.88 -0.98
CA VAL A 3 7.12 -7.49 -1.53
C VAL A 3 7.90 -6.45 -2.35
N ASP A 4 7.17 -5.58 -3.05
CA ASP A 4 7.74 -4.41 -3.70
C ASP A 4 6.89 -3.17 -3.51
N ASP A 5 5.78 -3.25 -2.78
CA ASP A 5 5.04 -2.07 -2.35
C ASP A 5 5.58 -1.64 -0.99
N HIS A 6 6.85 -1.26 -0.98
CA HIS A 6 7.54 -0.90 0.25
C HIS A 6 7.37 0.59 0.53
N HIS A 7 7.25 0.94 1.80
CA HIS A 7 7.09 2.33 2.21
C HIS A 7 8.06 2.64 3.33
N HIS A 8 8.77 3.76 3.20
CA HIS A 8 9.73 4.18 4.22
C HIS A 8 9.03 4.54 5.51
N GLY A 9 7.87 5.20 5.44
CA GLY A 9 7.30 5.76 6.66
C GLY A 9 8.12 6.96 7.07
N PRO A 10 7.95 7.42 8.33
CA PRO A 10 7.04 6.79 9.32
C PRO A 10 5.56 7.20 9.20
N LYS A 11 4.65 6.25 9.47
CA LYS A 11 3.23 6.55 9.63
C LYS A 11 2.91 6.58 11.12
N GLN A 12 2.27 7.66 11.56
CA GLN A 12 1.98 7.88 12.98
C GLN A 12 0.52 7.52 13.23
N VAL A 13 0.29 6.51 14.07
CA VAL A 13 -1.06 5.96 14.24
C VAL A 13 -1.38 5.71 15.71
N MET A 14 -2.67 5.67 16.00
CA MET A 14 -3.17 5.15 17.25
C MET A 14 -3.65 3.72 17.05
N VAL A 15 -3.21 2.82 17.93
CA VAL A 15 -3.70 1.44 17.96
C VAL A 15 -5.14 1.41 18.45
N LEU A 16 -6.03 0.82 17.66
CA LEU A 16 -7.44 0.70 18.03
C LEU A 16 -7.78 -0.64 18.64
N LYS A 17 -7.35 -1.74 18.01
CA LYS A 17 -7.70 -3.09 18.44
C LYS A 17 -6.61 -4.03 17.96
N VAL A 18 -6.41 -5.12 18.72
CA VAL A 18 -5.36 -6.08 18.43
C VAL A 18 -5.90 -7.48 18.77
N THR A 19 -5.43 -8.50 18.06
CA THR A 19 -5.62 -9.88 18.49
C THR A 19 -4.40 -10.35 19.27
N GLU A 20 -4.61 -11.39 20.08
CA GLU A 20 -3.49 -12.11 20.66
C GLU A 20 -2.62 -12.66 19.54
N PRO A 21 -1.36 -12.99 19.83
CA PRO A 21 -0.55 -13.65 18.82
C PRO A 21 -0.96 -15.11 18.67
N PHE A 22 -0.67 -15.66 17.50
CA PHE A 22 -1.08 -17.02 17.21
C PHE A 22 -0.14 -17.58 16.15
N THR A 23 -0.06 -18.90 16.12
CA THR A 23 0.76 -19.64 15.18
C THR A 23 0.01 -19.83 13.87
N TYR A 24 0.54 -19.26 12.80
CA TYR A 24 -0.09 -19.39 11.49
C TYR A 24 0.63 -20.38 10.59
N ASP A 25 1.87 -20.73 10.90
CA ASP A 25 2.58 -21.81 10.20
C ASP A 25 3.04 -22.78 11.29
N LEU A 26 2.32 -23.90 11.43
CA LEU A 26 2.59 -24.82 12.53
C LEU A 26 3.90 -25.55 12.36
N LYS A 27 4.42 -25.65 11.13
CA LYS A 27 5.64 -26.40 10.89
C LYS A 27 6.85 -25.76 11.57
N GLU A 28 6.99 -24.43 11.41
CA GLU A 28 8.10 -23.68 11.97
C GLU A 28 7.65 -22.71 13.07
N ASP A 29 6.45 -22.89 13.61
CA ASP A 29 5.98 -22.13 14.76
C ASP A 29 6.06 -20.62 14.47
N LYS A 30 5.76 -20.25 13.23
CA LYS A 30 5.75 -18.84 12.86
C LYS A 30 4.54 -18.14 13.48
N ARG A 31 4.78 -16.94 14.04
CA ARG A 31 3.76 -16.22 14.78
C ARG A 31 3.43 -14.87 14.15
N MET A 32 2.19 -14.44 14.36
CA MET A 32 1.73 -13.14 13.89
C MET A 32 0.60 -12.69 14.81
N PHE A 33 0.26 -11.39 14.74
CA PHE A 33 -1.05 -10.94 15.20
C PHE A 33 -1.58 -9.88 14.24
N HIS A 34 -2.87 -9.56 14.41
CA HIS A 34 -3.57 -8.58 13.61
C HIS A 34 -3.86 -7.35 14.48
N ALA A 35 -3.81 -6.17 13.86
CA ALA A 35 -4.15 -4.93 14.54
C ALA A 35 -4.92 -4.04 13.60
N THR A 36 -5.81 -3.23 14.17
CA THR A 36 -6.43 -2.11 13.48
C THR A 36 -5.85 -0.82 14.06
N VAL A 37 -5.38 0.09 13.19
CA VAL A 37 -4.76 1.34 13.62
C VAL A 37 -5.35 2.48 12.80
N ALA A 38 -5.07 3.70 13.23
CA ALA A 38 -5.68 4.86 12.57
C ALA A 38 -4.77 6.07 12.61
N THR A 39 -4.67 6.77 11.48
CA THR A 39 -4.26 8.18 11.48
C THR A 39 -5.47 9.01 11.86
N GLU A 40 -5.36 10.34 11.80
CA GLU A 40 -6.52 11.17 12.08
C GLU A 40 -7.61 11.05 11.02
N THR A 41 -7.30 10.61 9.79
CA THR A 41 -8.33 10.52 8.75
C THR A 41 -8.56 9.12 8.16
N GLU A 42 -7.69 8.14 8.41
CA GLU A 42 -7.82 6.83 7.79
C GLU A 42 -7.51 5.74 8.80
N PHE A 43 -8.03 4.54 8.55
CA PHE A 43 -7.65 3.40 9.37
C PHE A 43 -7.02 2.33 8.51
N PHE A 44 -6.16 1.54 9.12
CA PHE A 44 -5.37 0.55 8.41
C PHE A 44 -5.44 -0.77 9.14
N ARG A 45 -5.52 -1.86 8.37
CA ARG A 45 -5.42 -3.19 8.93
C ARG A 45 -3.98 -3.67 8.82
N VAL A 46 -3.41 -4.10 9.93
CA VAL A 46 -1.98 -4.36 10.06
C VAL A 46 -1.77 -5.84 10.36
N LYS A 47 -0.82 -6.45 9.67
CA LYS A 47 -0.31 -7.78 9.95
C LYS A 47 1.09 -7.63 10.53
N VAL A 48 1.26 -8.07 11.78
CA VAL A 48 2.51 -7.95 12.51
C VAL A 48 3.13 -9.33 12.58
N PHE A 49 4.25 -9.52 11.86
CA PHE A 49 4.92 -10.82 11.81
C PHE A 49 6.11 -10.94 12.76
N ASP A 50 6.50 -9.87 13.45
CA ASP A 50 7.44 -9.94 14.57
C ASP A 50 6.64 -9.72 15.85
N THR A 51 6.25 -10.80 16.50
CA THR A 51 5.33 -10.65 17.63
C THR A 51 6.02 -10.12 18.87
N ALA A 52 7.33 -9.86 18.81
CA ALA A 52 7.92 -9.08 19.89
C ALA A 52 7.20 -7.76 20.05
N LEU A 53 6.62 -7.25 18.96
CA LEU A 53 5.89 -5.99 18.97
C LEU A 53 4.58 -6.04 19.75
N LYS A 54 4.18 -7.21 20.29
CA LYS A 54 2.99 -7.29 21.11
C LYS A 54 2.96 -6.21 22.21
N SER A 55 4.11 -5.94 22.83
CA SER A 55 4.18 -4.92 23.87
C SER A 55 3.90 -3.50 23.37
N LYS A 56 3.92 -3.27 22.07
CA LYS A 56 3.65 -1.92 21.57
C LYS A 56 2.26 -1.76 20.92
N PHE A 57 1.64 -2.85 20.50
CA PHE A 57 0.30 -2.75 19.94
C PHE A 57 -0.72 -2.96 21.06
N ILE A 58 -0.72 -1.99 21.96
CA ILE A 58 -1.70 -1.90 23.06
C ILE A 58 -2.75 -0.88 22.65
N PRO A 59 -4.04 -1.22 22.72
CA PRO A 59 -5.07 -0.23 22.37
C PRO A 59 -4.84 1.11 23.08
N ARG A 60 -4.89 2.19 22.31
CA ARG A 60 -4.72 3.60 22.68
C ARG A 60 -3.26 4.04 22.68
N ASN A 61 -2.29 3.14 22.52
CA ASN A 61 -0.90 3.55 22.35
C ASN A 61 -0.74 4.26 21.01
N ILE A 62 0.10 5.28 20.98
CA ILE A 62 0.41 5.98 19.73
C ILE A 62 1.81 5.57 19.30
N ILE A 63 1.97 5.21 18.03
CA ILE A 63 3.18 4.54 17.56
C ILE A 63 3.52 5.07 16.17
N ALA A 64 4.77 4.85 15.76
CA ALA A 64 5.27 5.29 14.45
C ALA A 64 5.75 4.06 13.69
N ILE A 65 5.21 3.82 12.51
CA ILE A 65 5.49 2.60 11.75
C ILE A 65 6.33 2.96 10.53
N SER A 66 7.51 2.33 10.39
CA SER A 66 8.36 2.55 9.23
C SER A 66 8.68 1.23 8.53
N ASP A 67 9.33 1.35 7.37
CA ASP A 67 9.64 0.28 6.42
CA ASP A 67 9.68 0.24 6.50
C ASP A 67 8.61 -0.85 6.51
N TYR A 68 7.41 -0.51 6.08
CA TYR A 68 6.29 -1.44 6.10
C TYR A 68 5.88 -1.72 4.67
N PHE A 69 5.12 -2.78 4.48
CA PHE A 69 4.78 -3.25 3.15
C PHE A 69 3.27 -3.30 3.01
N GLY A 70 2.78 -2.88 1.86
CA GLY A 70 1.38 -3.01 1.52
C GLY A 70 1.16 -4.24 0.68
N CYS A 71 0.27 -5.11 1.12
CA CYS A 71 0.03 -6.37 0.43
C CYS A 71 -1.42 -6.79 0.73
N ASN A 72 -2.20 -7.01 -0.32
CA ASN A 72 -3.57 -7.50 -0.21
C ASN A 72 -4.43 -6.60 0.69
N GLY A 73 -4.16 -5.30 0.71
CA GLY A 73 -4.98 -4.41 1.53
C GLY A 73 -4.57 -4.35 2.99
N PHE A 74 -3.47 -4.98 3.36
CA PHE A 74 -2.94 -4.91 4.72
C PHE A 74 -1.62 -4.15 4.73
N LEU A 75 -1.29 -3.61 5.89
CA LEU A 75 0.05 -3.08 6.17
CA LEU A 75 0.06 -3.09 6.16
C LEU A 75 0.83 -4.17 6.89
N GLU A 76 1.97 -4.57 6.32
CA GLU A 76 2.75 -5.67 6.87
C GLU A 76 4.01 -5.14 7.56
N ILE A 77 4.26 -5.63 8.78
CA ILE A 77 5.42 -5.27 9.59
C ILE A 77 6.20 -6.55 9.88
N TYR A 78 7.47 -6.56 9.49
CA TYR A 78 8.28 -7.77 9.60
C TYR A 78 9.36 -7.71 10.69
N ARG A 79 9.63 -6.55 11.28
CA ARG A 79 10.72 -6.41 12.25
C ARG A 79 10.31 -5.49 13.39
N ALA A 80 10.79 -5.80 14.59
CA ALA A 80 10.58 -4.93 15.75
C ALA A 80 11.11 -3.51 15.50
N SER A 81 12.22 -3.38 14.77
CA SER A 81 12.80 -2.06 14.52
C SER A 81 11.87 -1.14 13.71
N CYS A 82 10.80 -1.68 13.13
CA CYS A 82 9.89 -0.88 12.31
C CYS A 82 9.06 0.09 13.13
N VAL A 83 8.94 -0.12 14.44
CA VAL A 83 7.94 0.57 15.26
C VAL A 83 8.64 1.23 16.46
N SER A 84 8.30 2.49 16.73
CA SER A 84 8.74 3.18 17.94
C SER A 84 7.50 3.84 18.57
N ASP A 85 7.56 4.09 19.90
CA ASP A 85 6.35 4.54 20.60
C ASP A 85 6.58 5.53 21.75
N VAL A 86 7.59 6.38 21.69
CA VAL A 86 7.88 7.27 22.82
C VAL A 86 7.41 8.68 22.49
N ASN A 87 6.25 9.06 23.04
CA ASN A 87 5.69 10.42 22.96
C ASN A 87 5.69 10.95 21.52
N VAL A 88 5.22 10.10 20.60
CA VAL A 88 5.24 10.47 19.18
C VAL A 88 4.23 11.58 18.90
N ASN A 89 3.01 11.44 19.42
CA ASN A 89 2.00 12.49 19.31
C ASN A 89 0.97 12.35 20.42
N PRO A 90 1.35 12.65 21.68
CA PRO A 90 0.41 12.45 22.80
C PRO A 90 -0.92 13.15 22.58
N THR A 91 -0.91 14.12 21.67
CA THR A 91 -2.10 14.81 21.21
C THR A 91 -2.47 14.20 19.86
N MET A 92 -3.07 13.02 19.92
CA MET A 92 -3.76 12.47 18.77
C MET A 92 -5.23 12.37 19.14
N VAL A 93 -6.10 12.74 18.21
CA VAL A 93 -7.52 12.57 18.38
C VAL A 93 -8.05 11.73 17.21
N ILE A 94 -8.82 10.70 17.52
CA ILE A 94 -9.46 9.84 16.53
C ILE A 94 -10.96 10.10 16.63
N SER A 95 -11.52 10.74 15.62
CA SER A 95 -12.94 11.07 15.64
C SER A 95 -13.77 9.81 15.90
N ASN A 96 -14.88 9.99 16.62
CA ASN A 96 -15.74 8.84 16.94
C ASN A 96 -16.30 8.21 15.68
N THR A 97 -16.53 9.01 14.63
CA THR A 97 -16.98 8.45 13.36
C THR A 97 -15.91 7.55 12.75
N LEU A 98 -14.64 7.98 12.80
CA LEU A 98 -13.58 7.15 12.26
C LEU A 98 -13.37 5.90 13.10
N ARG A 99 -13.52 6.02 14.42
CA ARG A 99 -13.42 4.86 15.29
C ARG A 99 -14.45 3.80 14.92
N GLN A 100 -15.72 4.19 14.80
CA GLN A 100 -16.71 3.17 14.52
C GLN A 100 -16.57 2.66 13.09
N ARG A 101 -16.19 3.52 12.15
CA ARG A 101 -15.90 3.01 10.81
C ARG A 101 -14.80 1.96 10.88
N ALA A 102 -13.81 2.15 11.75
CA ALA A 102 -12.71 1.19 11.83
C ALA A 102 -13.14 -0.14 12.42
N ASN A 103 -14.14 -0.14 13.30
CA ASN A 103 -14.55 -1.35 14.01
C ASN A 103 -15.87 -1.92 13.46
N ALA A 104 -16.32 -1.48 12.30
CA ALA A 104 -17.63 -1.89 11.83
C ALA A 104 -17.56 -3.29 11.21
N THR A 105 -18.61 -4.05 11.42
CA THR A 105 -18.79 -5.33 10.76
C THR A 105 -19.60 -5.14 9.49
N PRO A 106 -19.13 -5.59 8.33
CA PRO A 106 -19.92 -5.43 7.11
C PRO A 106 -21.20 -6.25 7.18
N LYS A 107 -22.30 -5.67 6.68
CA LYS A 107 -23.54 -6.44 6.62
C LYS A 107 -23.43 -7.51 5.52
N ILE A 108 -24.04 -8.67 5.80
CA ILE A 108 -23.93 -9.80 4.88
C ILE A 108 -24.38 -9.41 3.48
N SER A 109 -25.49 -8.67 3.38
CA SER A 109 -25.97 -8.25 2.06
C SER A 109 -24.93 -7.42 1.34
N TYR A 110 -24.17 -6.62 2.10
CA TYR A 110 -23.12 -5.80 1.48
C TYR A 110 -21.97 -6.66 0.97
N LEU A 111 -21.70 -7.78 1.65
CA LEU A 111 -20.65 -8.69 1.18
C LEU A 111 -21.01 -9.30 -0.16
N PHE A 112 -22.31 -9.49 -0.44
CA PHE A 112 -22.72 -10.09 -1.70
C PHE A 112 -22.35 -9.20 -2.88
N SER A 113 -22.23 -7.88 -2.67
CA SER A 113 -21.86 -6.96 -3.73
C SER A 113 -20.36 -6.83 -3.93
N GLN A 114 -19.54 -7.42 -3.06
CA GLN A 114 -18.11 -7.22 -3.10
C GLN A 114 -17.40 -8.28 -3.96
N ALA A 115 -16.17 -7.96 -4.35
CA ALA A 115 -15.40 -8.81 -5.26
C ALA A 115 -14.96 -10.09 -4.56
N ARG A 116 -15.14 -11.21 -5.25
CA ARG A 116 -14.71 -12.49 -4.71
C ARG A 116 -13.20 -12.51 -4.56
N GLY A 117 -12.73 -12.93 -3.39
CA GLY A 117 -11.31 -12.96 -3.09
C GLY A 117 -10.85 -11.83 -2.18
N THR A 118 -11.70 -10.87 -1.89
CA THR A 118 -11.30 -9.87 -0.91
C THR A 118 -11.32 -10.48 0.49
N PHE A 119 -10.53 -9.89 1.38
CA PHE A 119 -10.42 -10.38 2.74
C PHE A 119 -11.31 -9.55 3.68
N VAL A 120 -12.01 -10.25 4.56
CA VAL A 120 -13.13 -9.68 5.32
C VAL A 120 -12.88 -9.94 6.81
N SER A 121 -13.29 -8.97 7.64
CA SER A 121 -13.23 -9.08 9.09
C SER A 121 -14.60 -8.67 9.62
N GLY A 122 -15.08 -9.35 10.66
CA GLY A 122 -16.42 -9.07 11.15
C GLY A 122 -16.79 -10.00 12.28
N GLU A 123 -17.80 -9.57 13.04
CA GLU A 123 -18.35 -10.34 14.15
C GLU A 123 -19.78 -10.72 13.80
N TYR A 124 -20.06 -12.02 13.80
CA TYR A 124 -21.36 -12.52 13.36
C TYR A 124 -21.88 -13.57 14.32
N LEU A 125 -23.20 -13.72 14.34
CA LEU A 125 -23.87 -14.76 15.12
C LEU A 125 -23.93 -16.05 14.31
N VAL A 126 -23.57 -17.16 14.94
CA VAL A 126 -23.63 -18.48 14.31
C VAL A 126 -24.98 -19.11 14.61
N ASN A 127 -25.56 -19.78 13.61
CA ASN A 127 -26.85 -20.43 13.79
C ASN A 127 -26.86 -21.90 13.47
N LYS A 128 -25.82 -22.43 12.83
CA LYS A 128 -25.74 -23.86 12.54
C LYS A 128 -24.28 -24.25 12.45
N LYS A 129 -23.99 -25.48 12.87
CA LYS A 129 -22.65 -26.06 12.77
C LYS A 129 -22.77 -27.46 12.18
N THR A 130 -21.96 -27.74 11.17
CA THR A 130 -21.85 -29.10 10.63
C THR A 130 -20.39 -29.34 10.23
N GLU A 131 -19.98 -30.61 10.26
CA GLU A 131 -18.63 -31.00 9.88
C GLU A 131 -18.69 -32.10 8.83
N ARG A 132 -17.71 -32.09 7.95
CA ARG A 132 -17.58 -33.11 6.95
C ARG A 132 -16.23 -33.11 6.27
N ASN A 133 -15.53 -34.22 6.42
CA ASN A 133 -14.21 -34.40 5.81
C ASN A 133 -13.23 -33.32 6.26
N LYS A 134 -13.08 -33.16 7.58
CA LYS A 134 -12.11 -32.28 8.22
C LYS A 134 -12.49 -30.80 8.12
N PHE A 135 -13.46 -30.43 7.31
CA PHE A 135 -13.86 -29.04 7.23
C PHE A 135 -14.94 -28.86 8.21
N ILE A 136 -15.21 -27.64 8.62
CA ILE A 136 -16.31 -27.30 9.50
C ILE A 136 -17.02 -26.05 8.98
N TYR A 137 -18.34 -26.17 8.82
CA TYR A 137 -19.17 -25.17 8.14
C TYR A 137 -20.05 -24.50 9.18
N TYR A 138 -19.89 -23.21 9.36
CA TYR A 138 -20.71 -22.42 10.30
C TYR A 138 -21.69 -21.59 9.49
N GLY A 139 -22.98 -21.88 9.64
CA GLY A 139 -24.01 -20.97 9.14
C GLY A 139 -24.02 -19.71 9.97
N ILE A 140 -23.82 -18.55 9.33
CA ILE A 140 -23.91 -17.27 10.02
C ILE A 140 -24.97 -16.41 9.34
N GLY A 141 -25.46 -15.42 10.07
CA GLY A 141 -26.45 -14.51 9.51
C GLY A 141 -26.54 -13.20 10.27
N ASP A 142 -27.29 -12.27 9.68
CA ASP A 142 -27.67 -11.02 10.31
C ASP A 142 -29.04 -10.62 9.76
N ASP A 143 -29.44 -9.38 10.04
CA ASP A 143 -30.72 -8.85 9.59
C ASP A 143 -30.73 -8.51 8.09
N THR A 144 -29.75 -9.01 7.33
CA THR A 144 -29.70 -8.79 5.89
C THR A 144 -29.50 -10.06 5.06
N GLY A 145 -29.04 -11.16 5.66
CA GLY A 145 -28.82 -12.38 4.89
C GLY A 145 -28.11 -13.43 5.71
N LYS A 146 -27.70 -14.50 5.01
CA LYS A 146 -27.08 -15.66 5.62
C LYS A 146 -25.97 -16.16 4.70
N MET A 147 -24.93 -16.75 5.29
CA MET A 147 -23.85 -17.36 4.53
C MET A 147 -23.13 -18.38 5.40
N GLU A 148 -22.15 -19.05 4.81
CA GLU A 148 -21.37 -20.08 5.49
C GLU A 148 -19.96 -19.55 5.76
N VAL A 149 -19.44 -19.85 6.93
CA VAL A 149 -18.02 -19.72 7.21
C VAL A 149 -17.41 -21.10 7.09
N VAL A 150 -16.44 -21.25 6.21
CA VAL A 150 -15.78 -22.53 5.98
C VAL A 150 -14.45 -22.51 6.70
N VAL A 151 -14.29 -23.40 7.66
CA VAL A 151 -13.07 -23.49 8.46
C VAL A 151 -12.41 -24.83 8.20
N TYR A 152 -11.11 -24.79 7.92
CA TYR A 152 -10.27 -25.97 7.75
C TYR A 152 -8.95 -25.75 8.48
N GLY A 153 -8.38 -26.83 9.04
CA GLY A 153 -7.06 -26.76 9.61
C GLY A 153 -6.99 -26.21 11.02
N ARG A 154 -5.95 -25.43 11.34
CA ARG A 154 -5.68 -25.05 12.73
C ARG A 154 -6.90 -24.45 13.41
N LEU A 155 -7.71 -23.68 12.68
CA LEU A 155 -8.85 -23.01 13.30
C LEU A 155 -10.02 -23.94 13.57
N THR A 156 -9.95 -25.24 13.20
CA THR A 156 -11.02 -26.13 13.62
C THR A 156 -10.98 -26.43 15.11
N ASN A 157 -9.88 -26.09 15.80
CA ASN A 157 -9.78 -26.33 17.24
C ASN A 157 -10.50 -25.29 18.07
N VAL A 158 -11.14 -24.30 17.47
CA VAL A 158 -11.81 -23.24 18.22
C VAL A 158 -13.18 -23.76 18.63
N ARG A 159 -13.36 -24.03 19.92
CA ARG A 159 -14.65 -24.50 20.44
C ARG A 159 -15.72 -23.48 20.11
N CYS A 160 -16.61 -23.83 19.19
CA CYS A 160 -17.71 -22.94 18.83
C CYS A 160 -18.91 -23.78 18.47
N GLU A 161 -20.03 -23.49 19.10
CA GLU A 161 -21.30 -24.13 18.78
C GLU A 161 -22.35 -23.08 18.47
N PRO A 162 -23.46 -23.46 17.81
CA PRO A 162 -24.51 -22.48 17.50
C PRO A 162 -24.96 -21.72 18.73
N GLY A 163 -25.30 -20.45 18.52
CA GLY A 163 -25.57 -19.54 19.62
C GLY A 163 -24.37 -18.71 20.04
N SER A 164 -23.17 -19.08 19.63
CA SER A 164 -21.99 -18.28 19.92
C SER A 164 -21.85 -17.16 18.90
N LYS A 165 -21.15 -16.10 19.31
CA LYS A 165 -20.82 -15.00 18.41
C LYS A 165 -19.35 -15.09 18.04
N LEU A 166 -19.08 -14.95 16.74
CA LEU A 166 -17.78 -15.26 16.15
C LEU A 166 -17.12 -13.99 15.63
N ARG A 167 -15.90 -13.74 16.08
CA ARG A 167 -15.09 -12.64 15.57
C ARG A 167 -14.14 -13.23 14.53
N LEU A 168 -14.31 -12.82 13.27
CA LEU A 168 -13.51 -13.31 12.16
C LEU A 168 -12.55 -12.22 11.73
N VAL A 169 -11.29 -12.59 11.54
CA VAL A 169 -10.29 -11.64 11.05
C VAL A 169 -9.58 -12.25 9.85
N CYS A 170 -9.61 -11.54 8.73
CA CYS A 170 -8.90 -11.90 7.51
C CYS A 170 -9.36 -13.27 7.00
N PHE A 171 -10.66 -13.37 6.72
CA PHE A 171 -11.24 -14.49 5.98
C PHE A 171 -11.46 -14.08 4.52
N GLU A 172 -11.40 -15.06 3.60
CA GLU A 172 -11.53 -14.73 2.18
C GLU A 172 -12.97 -14.92 1.72
N LEU A 173 -13.49 -13.90 1.05
CA LEU A 173 -14.86 -13.91 0.56
C LEU A 173 -14.87 -14.67 -0.76
N THR A 174 -15.67 -15.72 -0.83
CA THR A 174 -15.74 -16.52 -2.04
C THR A 174 -17.21 -16.82 -2.32
N SER A 175 -17.49 -17.30 -3.53
CA SER A 175 -18.83 -17.76 -3.83
C SER A 175 -18.76 -19.08 -4.59
N THR A 176 -19.82 -19.86 -4.42
CA THR A 176 -20.15 -21.02 -5.23
C THR A 176 -21.56 -20.83 -5.76
N GLU A 177 -22.00 -21.73 -6.64
CA GLU A 177 -23.38 -21.60 -7.11
C GLU A 177 -24.39 -21.77 -5.99
N ASP A 178 -24.00 -22.33 -4.85
CA ASP A 178 -24.84 -22.38 -3.65
C ASP A 178 -24.30 -21.41 -2.60
N GLY A 179 -24.45 -20.11 -2.88
CA GLY A 179 -24.25 -19.11 -1.86
C GLY A 179 -22.82 -18.60 -1.74
N TRP A 180 -22.65 -17.76 -0.72
CA TRP A 180 -21.37 -17.12 -0.46
C TRP A 180 -20.75 -17.71 0.80
N GLN A 181 -19.41 -17.64 0.86
CA GLN A 181 -18.65 -18.22 1.96
CA GLN A 181 -18.69 -18.20 1.99
C GLN A 181 -17.55 -17.27 2.38
N LEU A 182 -17.17 -17.37 3.65
CA LEU A 182 -15.96 -16.76 4.18
C LEU A 182 -15.04 -17.93 4.54
N ARG A 183 -13.97 -18.09 3.78
CA ARG A 183 -13.05 -19.21 3.92
C ARG A 183 -11.84 -18.82 4.77
N SER A 184 -11.57 -19.64 5.78
CA SER A 184 -10.31 -19.53 6.50
C SER A 184 -9.16 -19.67 5.52
N VAL A 185 -8.11 -18.86 5.72
CA VAL A 185 -6.89 -18.88 4.92
C VAL A 185 -5.70 -18.77 5.87
N ARG A 186 -4.50 -18.72 5.27
CA ARG A 186 -3.26 -18.85 6.04
C ARG A 186 -3.14 -17.83 7.19
N HIS A 187 -3.57 -16.59 6.98
CA HIS A 187 -3.42 -15.57 8.02
C HIS A 187 -4.70 -15.35 8.80
N SER A 188 -5.69 -16.23 8.67
CA SER A 188 -6.95 -16.03 9.36
C SER A 188 -6.81 -16.18 10.85
N TYR A 189 -7.74 -15.54 11.55
CA TYR A 189 -7.84 -15.66 12.99
C TYR A 189 -9.31 -15.59 13.35
N MET A 190 -9.70 -16.31 14.39
CA MET A 190 -11.06 -16.22 14.86
C MET A 190 -11.10 -16.54 16.34
N GLN A 191 -12.09 -16.00 17.02
CA GLN A 191 -12.38 -16.38 18.40
C GLN A 191 -13.85 -16.12 18.68
N VAL A 192 -14.40 -16.88 19.63
CA VAL A 192 -15.77 -16.66 20.08
C VAL A 192 -15.77 -15.58 21.16
N ILE A 193 -16.87 -14.83 21.26
CA ILE A 193 -16.99 -13.81 22.29
C ILE A 193 -17.95 -14.25 23.40
N GLY B 1 -3.03 -2.63 -7.79
CA GLY B 1 -3.72 -2.95 -9.03
C GLY B 1 -4.67 -4.11 -8.87
N SER B 2 -4.81 -4.60 -7.65
CA SER B 2 -5.69 -5.72 -7.37
C SER B 2 -6.98 -5.20 -6.76
N VAL B 3 -7.91 -6.12 -6.51
CA VAL B 3 -9.15 -5.72 -5.88
C VAL B 3 -8.91 -5.34 -4.42
N ASP B 4 -7.83 -5.84 -3.83
CA ASP B 4 -7.52 -5.53 -2.44
C ASP B 4 -6.72 -4.26 -2.26
N ASP B 5 -6.29 -3.61 -3.33
CA ASP B 5 -5.45 -2.43 -3.18
C ASP B 5 -6.27 -1.16 -3.11
N HIS B 6 -7.58 -1.25 -2.99
CA HIS B 6 -8.39 -0.05 -2.89
C HIS B 6 -8.29 0.56 -1.49
N HIS B 7 -8.40 1.89 -1.42
CA HIS B 7 -8.35 2.66 -0.18
C HIS B 7 -9.45 3.70 -0.18
N HIS B 8 -10.29 3.72 0.86
CA HIS B 8 -11.40 4.67 0.88
C HIS B 8 -10.91 6.11 1.01
N GLY B 9 -9.89 6.32 1.85
CA GLY B 9 -9.45 7.66 2.16
C GLY B 9 -10.38 8.29 3.17
N PRO B 10 -10.28 9.61 3.37
CA PRO B 10 -9.36 10.50 2.66
C PRO B 10 -7.96 10.58 3.27
N LYS B 11 -6.93 10.71 2.43
CA LYS B 11 -5.60 11.07 2.91
C LYS B 11 -5.32 12.53 2.57
N GLN B 12 -5.03 13.33 3.59
CA GLN B 12 -4.70 14.74 3.37
C GLN B 12 -3.21 14.85 3.11
N VAL B 13 -2.84 15.39 1.95
CA VAL B 13 -1.43 15.56 1.61
C VAL B 13 -1.18 16.98 1.09
N MET B 14 0.09 17.37 1.10
CA MET B 14 0.56 18.53 0.37
C MET B 14 1.29 18.09 -0.90
N VAL B 15 1.00 18.75 -2.02
CA VAL B 15 1.70 18.45 -3.26
C VAL B 15 3.09 19.09 -3.23
N LEU B 16 4.12 18.27 -3.47
CA LEU B 16 5.51 18.75 -3.42
C LEU B 16 6.11 19.00 -4.80
N LYS B 17 5.90 18.10 -5.75
CA LYS B 17 6.57 18.19 -7.05
C LYS B 17 5.75 17.39 -8.05
N VAL B 18 5.67 17.87 -9.29
CA VAL B 18 4.76 17.27 -10.27
C VAL B 18 5.41 17.35 -11.66
N THR B 19 5.20 16.31 -12.47
CA THR B 19 5.61 16.38 -13.87
C THR B 19 4.46 16.96 -14.69
N GLU B 20 4.80 17.48 -15.86
CA GLU B 20 3.80 17.83 -16.85
C GLU B 20 3.04 16.56 -17.23
N PRO B 21 1.83 16.69 -17.74
CA PRO B 21 1.15 15.51 -18.28
C PRO B 21 1.82 15.08 -19.57
N PHE B 22 1.83 13.77 -19.80
CA PHE B 22 2.43 13.20 -20.99
C PHE B 22 1.64 11.97 -21.41
N THR B 23 1.84 11.57 -22.66
CA THR B 23 1.20 10.40 -23.22
C THR B 23 2.07 9.18 -22.93
N TYR B 24 1.55 8.26 -22.10
CA TYR B 24 2.26 7.02 -21.79
C TYR B 24 1.83 5.84 -22.65
N ASP B 25 0.69 5.95 -23.35
CA ASP B 25 0.23 4.94 -24.30
C ASP B 25 -0.06 5.63 -25.61
N LEU B 26 0.85 5.47 -26.57
CA LEU B 26 0.74 6.23 -27.81
C LEU B 26 -0.42 5.77 -28.68
N LYS B 27 -0.86 4.51 -28.52
CA LYS B 27 -1.91 3.99 -29.41
C LYS B 27 -3.24 4.68 -29.18
N GLU B 28 -3.64 4.83 -27.91
CA GLU B 28 -4.88 5.49 -27.54
C GLU B 28 -4.63 6.84 -26.86
N ASP B 29 -3.45 7.41 -27.00
CA ASP B 29 -3.14 8.73 -26.45
C ASP B 29 -3.56 8.85 -24.99
N LYS B 30 -3.20 7.84 -24.18
CA LYS B 30 -3.54 7.88 -22.76
C LYS B 30 -2.55 8.78 -22.03
N ARG B 31 -3.06 9.55 -21.07
CA ARG B 31 -2.31 10.62 -20.43
C ARG B 31 -2.17 10.35 -18.93
N MET B 32 -1.01 10.70 -18.39
CA MET B 32 -0.83 10.68 -16.95
C MET B 32 0.13 11.80 -16.58
N PHE B 33 0.26 12.06 -15.29
CA PHE B 33 1.44 12.75 -14.79
C PHE B 33 1.81 12.08 -13.47
N HIS B 34 3.06 12.27 -13.07
CA HIS B 34 3.56 11.80 -11.78
C HIS B 34 3.58 12.96 -10.80
N ALA B 35 3.36 12.66 -9.52
CA ALA B 35 3.45 13.68 -8.48
C ALA B 35 4.03 13.07 -7.21
N THR B 36 4.73 13.91 -6.44
CA THR B 36 5.13 13.54 -5.09
C THR B 36 4.32 14.37 -4.11
N VAL B 37 3.79 13.71 -3.07
CA VAL B 37 2.96 14.37 -2.06
C VAL B 37 3.49 13.94 -0.71
N ALA B 38 3.07 14.65 0.34
CA ALA B 38 3.48 14.25 1.68
C ALA B 38 2.34 14.45 2.65
N THR B 39 2.24 13.54 3.60
CA THR B 39 1.51 13.84 4.82
C THR B 39 2.47 14.61 5.74
N GLU B 40 2.09 14.81 6.99
CA GLU B 40 2.99 15.48 7.92
C GLU B 40 4.22 14.64 8.25
N THR B 41 4.18 13.30 8.01
CA THR B 41 5.29 12.46 8.40
C THR B 41 5.93 11.60 7.31
N GLU B 42 5.27 11.41 6.16
CA GLU B 42 5.85 10.55 5.13
C GLU B 42 5.45 11.12 3.78
N PHE B 43 6.11 10.65 2.73
CA PHE B 43 5.77 11.09 1.39
C PHE B 43 5.36 9.89 0.54
N PHE B 44 4.61 10.18 -0.52
CA PHE B 44 4.12 9.15 -1.43
C PHE B 44 4.34 9.59 -2.87
N ARG B 45 4.66 8.62 -3.72
CA ARG B 45 4.70 8.84 -5.16
C ARG B 45 3.33 8.51 -5.73
N VAL B 46 2.79 9.42 -6.54
CA VAL B 46 1.42 9.32 -7.04
C VAL B 46 1.46 9.27 -8.56
N LYS B 47 0.76 8.29 -9.14
CA LYS B 47 0.49 8.28 -10.57
C LYS B 47 -0.94 8.76 -10.76
N VAL B 48 -1.12 9.84 -11.54
CA VAL B 48 -2.43 10.45 -11.75
C VAL B 48 -2.87 10.16 -13.18
N PHE B 49 -3.90 9.31 -13.34
CA PHE B 49 -4.33 8.89 -14.66
C PHE B 49 -5.53 9.67 -15.19
N ASP B 50 -6.13 10.54 -14.38
CA ASP B 50 -7.10 11.51 -14.87
C ASP B 50 -6.41 12.87 -14.85
N THR B 51 -5.92 13.33 -16.01
CA THR B 51 -5.07 14.52 -16.01
C THR B 51 -5.87 15.80 -15.97
N ALA B 52 -7.20 15.71 -16.01
CA ALA B 52 -8.02 16.85 -15.60
C ALA B 52 -7.67 17.34 -14.20
N LEU B 53 -6.98 16.52 -13.40
CA LEU B 53 -6.53 16.93 -12.08
C LEU B 53 -5.27 17.80 -12.13
N LYS B 54 -4.77 18.12 -13.33
CA LYS B 54 -3.57 18.94 -13.45
C LYS B 54 -3.70 20.23 -12.65
N SER B 55 -4.88 20.86 -12.72
CA SER B 55 -5.09 22.12 -12.02
C SER B 55 -4.99 21.99 -10.50
N LYS B 56 -5.17 20.79 -9.94
CA LYS B 56 -5.14 20.64 -8.49
C LYS B 56 -3.80 20.16 -7.96
N PHE B 57 -2.94 19.57 -8.80
CA PHE B 57 -1.64 19.10 -8.32
C PHE B 57 -0.59 20.19 -8.56
N ILE B 58 -0.73 21.24 -7.77
CA ILE B 58 0.12 22.43 -7.79
C ILE B 58 1.00 22.40 -6.54
N PRO B 59 2.33 22.50 -6.66
CA PRO B 59 3.17 22.50 -5.47
C PRO B 59 2.65 23.46 -4.39
N ARG B 60 2.70 22.98 -3.15
CA ARG B 60 2.24 23.63 -1.92
C ARG B 60 0.73 23.53 -1.73
N ASN B 61 -0.04 23.18 -2.75
CA ASN B 61 -1.47 22.96 -2.53
C ASN B 61 -1.73 21.75 -1.61
N ILE B 62 -2.78 21.86 -0.81
CA ILE B 62 -3.18 20.82 0.14
C ILE B 62 -4.47 20.20 -0.39
N ILE B 63 -4.49 18.87 -0.50
CA ILE B 63 -5.62 18.16 -1.08
C ILE B 63 -5.96 16.93 -0.24
N ALA B 64 -7.18 16.43 -0.43
CA ALA B 64 -7.64 15.20 0.19
C ALA B 64 -7.83 14.17 -0.91
N ILE B 65 -7.18 13.01 -0.77
CA ILE B 65 -7.22 11.95 -1.77
C ILE B 65 -8.07 10.80 -1.25
N SER B 66 -9.04 10.39 -2.06
CA SER B 66 -9.96 9.31 -1.71
C SER B 66 -10.05 8.31 -2.86
N ASP B 67 -10.66 7.16 -2.54
CA ASP B 67 -10.80 6.00 -3.42
CA ASP B 67 -10.83 6.03 -3.45
C ASP B 67 -9.65 5.88 -4.41
N TYR B 68 -8.47 5.61 -3.86
CA TYR B 68 -7.21 5.47 -4.57
C TYR B 68 -6.66 4.05 -4.34
N PHE B 69 -5.65 3.68 -5.12
CA PHE B 69 -5.06 2.35 -5.11
C PHE B 69 -3.57 2.41 -4.80
N GLY B 70 -3.09 1.45 -4.01
CA GLY B 70 -1.69 1.33 -3.69
C GLY B 70 -1.06 0.16 -4.42
N CYS B 71 -0.06 0.43 -5.27
CA CYS B 71 0.37 -0.51 -6.29
C CYS B 71 1.84 -0.24 -6.60
N ASN B 72 2.72 -1.21 -6.36
CA ASN B 72 4.13 -1.11 -6.74
C ASN B 72 4.84 0.04 -6.05
N GLY B 73 4.38 0.47 -4.87
CA GLY B 73 5.00 1.61 -4.23
C GLY B 73 4.44 2.95 -4.63
N PHE B 74 3.37 2.98 -5.42
CA PHE B 74 2.75 4.23 -5.83
C PHE B 74 1.32 4.27 -5.34
N LEU B 75 0.80 5.48 -5.18
CA LEU B 75 -0.63 5.72 -5.03
CA LEU B 75 -0.63 5.69 -5.04
C LEU B 75 -1.20 6.04 -6.41
N GLU B 76 -2.26 5.35 -6.82
CA GLU B 76 -2.84 5.56 -8.14
C GLU B 76 -4.20 6.22 -8.03
N ILE B 77 -4.45 7.23 -8.87
CA ILE B 77 -5.69 8.00 -8.88
C ILE B 77 -6.27 7.96 -10.30
N TYR B 78 -7.51 7.47 -10.43
CA TYR B 78 -8.12 7.25 -11.74
C TYR B 78 -9.21 8.23 -12.10
N ARG B 79 -9.77 8.97 -11.14
CA ARG B 79 -10.88 9.88 -11.42
C ARG B 79 -10.67 11.21 -10.72
N ALA B 80 -11.07 12.30 -11.38
CA ALA B 80 -11.02 13.62 -10.77
C ALA B 80 -11.78 13.67 -9.45
N SER B 81 -12.86 12.90 -9.34
CA SER B 81 -13.68 12.88 -8.13
C SER B 81 -12.90 12.38 -6.92
N CYS B 82 -11.79 11.66 -7.14
CA CYS B 82 -10.96 11.19 -6.05
C CYS B 82 -10.34 12.32 -5.23
N VAL B 83 -10.28 13.54 -5.75
CA VAL B 83 -9.50 14.59 -5.13
C VAL B 83 -10.39 15.78 -4.81
N SER B 84 -10.12 16.43 -3.68
CA SER B 84 -10.89 17.61 -3.25
C SER B 84 -10.02 18.62 -2.51
N ASP B 85 -9.96 19.86 -3.01
CA ASP B 85 -9.17 20.91 -2.38
C ASP B 85 -10.02 21.81 -1.48
N VAL B 86 -11.23 21.39 -1.16
CA VAL B 86 -12.10 22.11 -0.25
C VAL B 86 -12.20 21.42 1.11
N ASN B 87 -12.23 20.09 1.13
CA ASN B 87 -12.42 19.32 2.36
C ASN B 87 -11.09 19.05 3.04
N VAL B 88 -10.32 20.12 3.24
CA VAL B 88 -9.00 20.03 3.86
C VAL B 88 -8.93 21.03 5.01
N ASN B 89 -7.97 20.81 5.90
CA ASN B 89 -7.73 21.81 6.91
C ASN B 89 -6.82 22.91 6.34
N PRO B 90 -6.99 24.16 6.78
CA PRO B 90 -6.30 25.27 6.10
C PRO B 90 -4.79 25.16 6.12
N THR B 91 -4.19 24.75 7.23
CA THR B 91 -2.75 24.78 7.41
C THR B 91 -2.22 23.43 7.80
N MET B 92 -0.97 23.17 7.42
CA MET B 92 -0.37 21.84 7.50
C MET B 92 1.14 22.02 7.45
N VAL B 93 1.86 21.40 8.39
CA VAL B 93 3.30 21.63 8.51
C VAL B 93 4.06 20.43 7.95
N ILE B 94 4.88 20.69 6.94
CA ILE B 94 5.75 19.70 6.31
C ILE B 94 7.17 20.18 6.54
N SER B 95 7.93 19.43 7.34
CA SER B 95 9.29 19.85 7.65
C SER B 95 10.17 19.85 6.40
N ASN B 96 11.15 20.75 6.39
CA ASN B 96 12.10 20.79 5.28
C ASN B 96 12.87 19.48 5.14
N THR B 97 13.13 18.80 6.26
CA THR B 97 13.80 17.51 6.21
C THR B 97 13.00 16.49 5.39
N LEU B 98 11.68 16.45 5.59
CA LEU B 98 10.83 15.52 4.84
C LEU B 98 10.75 15.91 3.36
N ARG B 99 10.68 17.22 3.08
CA ARG B 99 10.66 17.68 1.70
C ARG B 99 11.91 17.25 0.96
N GLN B 100 13.07 17.36 1.60
CA GLN B 100 14.33 16.99 0.94
C GLN B 100 14.43 15.48 0.78
N ARG B 101 13.98 14.74 1.79
CA ARG B 101 13.90 13.29 1.67
C ARG B 101 13.05 12.89 0.47
N ALA B 102 11.88 13.52 0.34
CA ALA B 102 10.97 13.18 -0.76
C ALA B 102 11.58 13.48 -2.12
N ASN B 103 12.56 14.39 -2.17
CA ASN B 103 13.21 14.83 -3.40
C ASN B 103 14.62 14.25 -3.59
N ALA B 104 15.10 13.42 -2.65
CA ALA B 104 16.47 12.94 -2.71
C ALA B 104 16.69 11.99 -3.89
N THR B 105 17.90 12.04 -4.47
CA THR B 105 18.27 11.07 -5.49
C THR B 105 19.09 9.95 -4.86
N PRO B 106 18.72 8.69 -5.09
CA PRO B 106 19.52 7.57 -4.54
C PRO B 106 20.92 7.55 -5.15
N LYS B 107 21.91 7.22 -4.33
CA LYS B 107 23.27 7.03 -4.80
C LYS B 107 23.36 5.74 -5.62
N ILE B 108 24.19 5.76 -6.66
CA ILE B 108 24.28 4.61 -7.56
C ILE B 108 24.75 3.36 -6.81
N SER B 109 25.71 3.50 -5.89
CA SER B 109 26.11 2.34 -5.10
C SER B 109 24.99 1.87 -4.18
N TYR B 110 24.15 2.79 -3.70
CA TYR B 110 22.97 2.35 -2.97
C TYR B 110 22.08 1.47 -3.84
N LEU B 111 21.93 1.84 -5.13
CA LEU B 111 21.07 1.08 -6.02
C LEU B 111 21.55 -0.36 -6.18
N PHE B 112 22.87 -0.58 -6.22
CA PHE B 112 23.39 -1.93 -6.41
C PHE B 112 23.01 -2.86 -5.25
N SER B 113 22.56 -2.32 -4.12
CA SER B 113 22.15 -3.15 -3.01
C SER B 113 20.65 -3.43 -2.98
N GLN B 114 19.87 -2.84 -3.88
CA GLN B 114 18.42 -2.94 -3.81
C GLN B 114 17.92 -4.16 -4.58
N ALA B 115 16.65 -4.49 -4.38
CA ALA B 115 16.05 -5.64 -5.03
C ALA B 115 15.73 -5.33 -6.48
N ARG B 116 15.83 -6.36 -7.32
CA ARG B 116 15.35 -6.24 -8.69
C ARG B 116 13.87 -5.89 -8.70
N GLY B 117 13.44 -5.13 -9.70
CA GLY B 117 12.04 -4.76 -9.83
C GLY B 117 11.58 -3.55 -9.05
N THR B 118 12.45 -2.94 -8.25
CA THR B 118 12.10 -1.67 -7.61
C THR B 118 12.13 -0.55 -8.64
N PHE B 119 11.27 0.45 -8.44
CA PHE B 119 11.16 1.59 -9.34
C PHE B 119 11.86 2.80 -8.76
N VAL B 120 12.73 3.41 -9.56
CA VAL B 120 13.64 4.47 -9.13
C VAL B 120 13.25 5.78 -9.79
N SER B 121 13.38 6.88 -9.04
CA SER B 121 13.41 8.22 -9.59
C SER B 121 14.67 8.93 -9.08
N GLY B 122 15.20 9.83 -9.88
CA GLY B 122 16.40 10.55 -9.47
C GLY B 122 17.00 11.31 -10.63
N GLU B 123 17.94 12.20 -10.29
CA GLU B 123 18.60 13.07 -11.24
C GLU B 123 20.07 12.68 -11.32
N TYR B 124 20.55 12.35 -12.51
CA TYR B 124 21.89 11.81 -12.68
C TYR B 124 22.58 12.47 -13.85
N LEU B 125 23.90 12.64 -13.72
CA LEU B 125 24.68 13.20 -14.80
C LEU B 125 25.02 12.10 -15.81
N VAL B 126 24.83 12.38 -17.09
CA VAL B 126 25.11 11.44 -18.17
C VAL B 126 26.55 11.62 -18.63
N ASN B 127 27.26 10.50 -18.79
CA ASN B 127 28.64 10.53 -19.28
C ASN B 127 28.86 9.68 -20.53
N LYS B 128 27.85 8.96 -21.03
CA LYS B 128 28.03 8.09 -22.18
C LYS B 128 26.69 7.89 -22.88
N LYS B 129 26.72 7.88 -24.21
CA LYS B 129 25.51 7.65 -25.00
C LYS B 129 25.86 6.75 -26.17
N THR B 130 25.18 5.62 -26.26
CA THR B 130 25.44 4.62 -27.29
C THR B 130 24.10 4.05 -27.75
N GLU B 131 23.87 4.06 -29.06
CA GLU B 131 22.60 3.63 -29.64
C GLU B 131 22.78 2.31 -30.37
N ARG B 132 21.87 1.36 -30.12
CA ARG B 132 22.02 -0.01 -30.60
C ARG B 132 20.63 -0.61 -30.77
N ASN B 133 20.24 -0.88 -32.02
CA ASN B 133 18.90 -1.36 -32.38
C ASN B 133 17.83 -0.33 -32.04
N LYS B 134 18.16 0.95 -32.21
CA LYS B 134 17.29 2.06 -31.81
C LYS B 134 16.82 1.91 -30.35
N PHE B 135 17.78 1.58 -29.50
CA PHE B 135 17.68 1.55 -28.07
C PHE B 135 18.74 2.62 -27.76
N ILE B 136 18.61 3.42 -26.71
CA ILE B 136 19.63 4.38 -26.29
C ILE B 136 20.09 3.98 -24.89
N TYR B 137 21.38 3.67 -24.77
CA TYR B 137 21.99 3.36 -23.49
C TYR B 137 22.72 4.61 -23.01
N TYR B 138 22.29 5.15 -21.89
CA TYR B 138 22.96 6.28 -21.26
C TYR B 138 23.76 5.75 -20.07
N GLY B 139 25.08 5.77 -20.18
CA GLY B 139 25.89 5.61 -18.98
C GLY B 139 25.68 6.81 -18.08
N ILE B 140 25.32 6.57 -16.82
CA ILE B 140 25.19 7.61 -15.82
C ILE B 140 26.23 7.34 -14.73
N GLY B 141 26.52 8.38 -13.93
CA GLY B 141 27.45 8.22 -12.83
C GLY B 141 27.28 9.29 -11.78
N ASP B 142 27.77 8.99 -10.59
CA ASP B 142 27.85 9.96 -9.49
C ASP B 142 29.15 9.68 -8.73
N ASP B 143 29.25 10.18 -7.51
CA ASP B 143 30.51 10.01 -6.78
C ASP B 143 30.61 8.65 -6.09
N THR B 144 29.70 7.70 -6.37
CA THR B 144 29.78 6.35 -5.81
C THR B 144 29.85 5.23 -6.85
N GLY B 145 29.55 5.49 -8.11
CA GLY B 145 29.64 4.45 -9.10
C GLY B 145 29.01 4.88 -10.42
N LYS B 146 28.90 3.90 -11.32
CA LYS B 146 28.38 4.11 -12.65
C LYS B 146 27.46 2.95 -13.03
N MET B 147 26.46 3.25 -13.85
CA MET B 147 25.56 2.24 -14.37
C MET B 147 24.96 2.79 -15.66
N GLU B 148 24.09 1.99 -16.27
CA GLU B 148 23.50 2.31 -17.56
C GLU B 148 21.99 2.49 -17.42
N VAL B 149 21.47 3.50 -18.11
CA VAL B 149 20.04 3.71 -18.27
C VAL B 149 19.66 3.22 -19.67
N VAL B 150 18.70 2.30 -19.74
CA VAL B 150 18.24 1.72 -21.02
C VAL B 150 16.92 2.37 -21.38
N VAL B 151 16.88 3.04 -22.54
CA VAL B 151 15.70 3.77 -23.01
C VAL B 151 15.18 3.10 -24.28
N TYR B 152 13.86 3.06 -24.42
CA TYR B 152 13.22 2.36 -25.52
C TYR B 152 11.86 2.99 -25.76
N GLY B 153 11.53 3.18 -27.03
CA GLY B 153 10.23 3.74 -27.37
C GLY B 153 10.12 5.24 -27.26
N ARG B 154 9.00 5.71 -26.71
CA ARG B 154 8.66 7.13 -26.79
C ARG B 154 9.72 8.01 -26.14
N LEU B 155 10.45 7.50 -25.14
CA LEU B 155 11.43 8.32 -24.45
C LEU B 155 12.75 8.49 -25.21
N THR B 156 12.98 7.71 -26.26
CA THR B 156 14.15 7.97 -27.10
C THR B 156 14.05 9.30 -27.82
N ASN B 157 12.85 9.84 -27.99
CA ASN B 157 12.69 11.16 -28.61
C ASN B 157 13.16 12.28 -27.71
N VAL B 158 13.51 11.99 -26.47
CA VAL B 158 14.10 12.98 -25.58
C VAL B 158 15.57 13.17 -25.97
N ARG B 159 15.91 14.38 -26.43
CA ARG B 159 17.27 14.67 -26.82
C ARG B 159 18.15 14.78 -25.58
N CYS B 160 19.26 14.03 -25.56
CA CYS B 160 20.12 13.95 -24.39
C CYS B 160 21.50 13.50 -24.83
N GLU B 161 22.52 14.30 -24.53
CA GLU B 161 23.89 13.94 -24.84
C GLU B 161 24.75 14.03 -23.59
N PRO B 162 25.89 13.31 -23.56
CA PRO B 162 26.72 13.31 -22.35
C PRO B 162 27.05 14.72 -21.89
N GLY B 163 27.19 14.88 -20.58
CA GLY B 163 27.28 16.19 -19.97
C GLY B 163 25.95 16.77 -19.52
N SER B 164 24.83 16.23 -19.99
CA SER B 164 23.52 16.68 -19.56
C SER B 164 23.11 15.99 -18.26
N LYS B 165 22.14 16.59 -17.58
CA LYS B 165 21.57 16.02 -16.37
C LYS B 165 20.18 15.44 -16.68
N LEU B 166 20.02 14.15 -16.44
CA LEU B 166 18.77 13.44 -16.70
C LEU B 166 17.96 13.29 -15.41
N ARG B 167 16.72 13.79 -15.42
CA ARG B 167 15.77 13.50 -14.36
C ARG B 167 14.94 12.28 -14.78
N LEU B 168 15.06 11.18 -14.04
CA LEU B 168 14.34 9.94 -14.29
C LEU B 168 13.18 9.83 -13.33
N VAL B 169 12.01 9.40 -13.82
CA VAL B 169 10.85 9.17 -12.96
C VAL B 169 10.28 7.81 -13.33
N CYS B 170 10.14 6.93 -12.33
CA CYS B 170 9.59 5.58 -12.51
C CYS B 170 10.34 4.81 -13.61
N PHE B 171 11.63 4.59 -13.37
CA PHE B 171 12.45 3.65 -14.13
C PHE B 171 12.66 2.39 -13.31
N GLU B 172 12.79 1.26 -13.99
CA GLU B 172 12.86 -0.02 -13.29
C GLU B 172 14.31 -0.45 -13.11
N LEU B 173 14.64 -0.86 -11.88
CA LEU B 173 15.95 -1.40 -11.57
C LEU B 173 15.98 -2.90 -11.86
N THR B 174 16.85 -3.31 -12.77
CA THR B 174 16.96 -4.71 -13.17
C THR B 174 18.40 -5.20 -13.01
N SER B 175 18.53 -6.51 -12.75
CA SER B 175 19.82 -7.17 -12.61
C SER B 175 19.87 -8.32 -13.60
N THR B 176 20.80 -8.25 -14.56
CA THR B 176 20.85 -9.20 -15.66
C THR B 176 22.27 -9.68 -15.86
N GLU B 177 22.48 -10.35 -17.00
CA GLU B 177 23.81 -10.74 -17.46
C GLU B 177 24.74 -9.53 -17.62
N ASP B 178 24.17 -8.33 -17.77
CA ASP B 178 24.94 -7.13 -18.04
C ASP B 178 25.02 -6.19 -16.84
N GLY B 179 24.63 -6.65 -15.65
CA GLY B 179 24.73 -5.86 -14.44
C GLY B 179 23.42 -5.20 -14.04
N TRP B 180 23.55 -4.18 -13.20
CA TRP B 180 22.41 -3.38 -12.78
C TRP B 180 22.16 -2.26 -13.78
N GLN B 181 20.91 -2.12 -14.21
CA GLN B 181 20.49 -1.07 -15.12
CA GLN B 181 20.50 -1.06 -15.11
C GLN B 181 19.20 -0.46 -14.62
N LEU B 182 18.88 0.71 -15.17
CA LEU B 182 17.60 1.38 -14.98
C LEU B 182 16.92 1.40 -16.33
N ARG B 183 15.76 0.75 -16.43
CA ARG B 183 15.10 0.53 -17.71
C ARG B 183 13.80 1.31 -17.74
N SER B 184 13.55 1.98 -18.87
CA SER B 184 12.27 2.64 -19.07
C SER B 184 11.15 1.61 -19.14
N VAL B 185 9.99 1.98 -18.62
CA VAL B 185 8.82 1.11 -18.58
C VAL B 185 7.61 1.94 -18.97
N ARG B 186 6.43 1.30 -18.92
CA ARG B 186 5.23 1.91 -19.48
C ARG B 186 4.96 3.30 -18.89
N HIS B 187 5.16 3.47 -17.59
CA HIS B 187 4.85 4.73 -16.92
C HIS B 187 6.07 5.62 -16.71
N SER B 188 7.20 5.32 -17.35
CA SER B 188 8.43 6.09 -17.13
C SER B 188 8.29 7.50 -17.70
N TYR B 189 9.00 8.43 -17.08
CA TYR B 189 9.12 9.79 -17.58
C TYR B 189 10.57 10.24 -17.39
N MET B 190 11.11 10.98 -18.37
CA MET B 190 12.41 11.61 -18.15
C MET B 190 12.49 12.94 -18.88
N GLN B 191 13.32 13.83 -18.36
CA GLN B 191 13.53 15.13 -18.99
C GLN B 191 14.94 15.63 -18.64
N VAL B 192 15.58 16.30 -19.59
CA VAL B 192 16.90 16.87 -19.36
C VAL B 192 16.77 18.14 -18.53
N ILE B 193 17.60 18.26 -17.50
CA ILE B 193 17.67 19.47 -16.71
C ILE B 193 19.11 19.98 -16.71
#